data_4F2J
#
_entry.id   4F2J
#
_cell.length_a   56.928
_cell.length_b   56.928
_cell.length_c   242.542
_cell.angle_alpha   90.000
_cell.angle_beta   90.000
_cell.angle_gamma   120.000
#
_symmetry.space_group_name_H-M   'P 65 2 2'
#
loop_
_entity.id
_entity.type
_entity.pdbx_description
1 polymer "5'-D(*TP*TP*TP*GP*CP*AP*GP*AP*AP*TP*CP*GP*AP*TP*TP*CP*TP*GP*CP*A)-3'"
2 polymer 'Zinc finger protein 217'
3 non-polymer 'ZINC ION'
#
loop_
_entity_poly.entity_id
_entity_poly.type
_entity_poly.pdbx_seq_one_letter_code
_entity_poly.pdbx_strand_id
1 'polydeoxyribonucleotide' (DT)(DT)(DT)(DG)(DC)(DA)(DG)(DA)(DA)(DT)(DC)(DG)(DA)(DT)(DT)(DC)(DT)(DG)(DC)(DA) A
2 'polypeptide(L)' GSSSRECSYCGKFFRSNYYLNIHLRTHTGEKPYKCEFCEYAAAQKTSLRYHLERHHK C
#
# COMPACT_ATOMS: atom_id res chain seq x y z
N ARG B 5 -2.25 -12.64 12.03
CA ARG B 5 -1.03 -11.80 11.89
C ARG B 5 0.07 -12.34 10.93
N GLU B 6 -0.31 -13.27 10.05
CA GLU B 6 0.64 -13.88 9.11
C GLU B 6 0.16 -13.75 7.63
N CYS B 7 1.01 -13.18 6.79
CA CYS B 7 0.65 -13.06 5.39
C CYS B 7 0.55 -14.46 4.89
N SER B 8 -0.67 -14.83 4.54
CA SER B 8 -0.92 -16.15 4.00
C SER B 8 -0.21 -16.41 2.67
N TYR B 9 0.54 -15.44 2.13
CA TYR B 9 1.22 -15.65 0.82
C TYR B 9 2.71 -15.80 0.92
N CYS B 10 3.34 -14.85 1.60
CA CYS B 10 4.78 -14.80 1.70
C CYS B 10 5.27 -15.39 3.00
N GLY B 11 4.33 -15.63 3.92
CA GLY B 11 4.67 -16.23 5.19
C GLY B 11 5.29 -15.30 6.22
N LYS B 12 5.55 -14.06 5.89
CA LYS B 12 6.13 -13.18 6.89
C LYS B 12 5.07 -12.92 7.96
N PHE B 13 5.57 -12.49 9.13
CA PHE B 13 4.75 -12.23 10.30
C PHE B 13 4.72 -10.74 10.52
N PHE B 14 3.58 -10.19 10.94
CA PHE B 14 3.40 -8.73 11.03
C PHE B 14 2.78 -8.26 12.31
N ARG B 15 3.37 -7.26 12.94
CA ARG B 15 2.97 -6.85 14.31
C ARG B 15 1.48 -6.67 14.61
N SER B 16 0.63 -6.55 13.60
CA SER B 16 -0.79 -6.39 13.82
C SER B 16 -1.61 -6.84 12.63
N ASN B 17 -2.90 -7.00 12.90
CA ASN B 17 -3.88 -7.24 11.85
C ASN B 17 -3.99 -6.00 10.98
N TYR B 18 -4.15 -4.84 11.61
CA TYR B 18 -4.21 -3.58 10.89
C TYR B 18 -3.22 -3.60 9.76
N TYR B 19 -1.95 -3.82 10.08
CA TYR B 19 -0.92 -3.72 9.05
C TYR B 19 -1.03 -4.88 8.10
N LEU B 20 -1.26 -6.08 8.60
CA LEU B 20 -1.42 -7.19 7.70
C LEU B 20 -2.43 -6.80 6.62
N ASN B 21 -3.52 -6.18 7.04
CA ASN B 21 -4.57 -5.79 6.11
C ASN B 21 -3.95 -5.04 4.97
N ILE B 22 -3.18 -4.05 5.36
CA ILE B 22 -2.40 -3.22 4.43
C ILE B 22 -1.38 -4.01 3.60
N HIS B 23 -0.54 -4.79 4.28
CA HIS B 23 0.50 -5.56 3.62
C HIS B 23 -0.02 -6.47 2.55
N LEU B 24 -1.25 -6.91 2.71
CA LEU B 24 -1.80 -7.82 1.74
C LEU B 24 -2.08 -7.14 0.41
N ARG B 25 -2.31 -5.84 0.45
CA ARG B 25 -2.63 -5.13 -0.76
C ARG B 25 -1.57 -5.41 -1.80
N THR B 26 -0.35 -5.56 -1.37
CA THR B 26 0.71 -5.70 -2.35
C THR B 26 0.78 -7.08 -2.96
N HIS B 27 0.01 -8.04 -2.47
CA HIS B 27 -0.18 -9.30 -3.18
C HIS B 27 -1.46 -9.23 -3.97
N THR B 28 -2.49 -8.70 -3.33
CA THR B 28 -3.84 -8.67 -3.87
C THR B 28 -3.94 -7.74 -5.07
N GLY B 29 -3.23 -6.63 -5.03
CA GLY B 29 -3.31 -5.66 -6.10
C GLY B 29 -4.08 -4.42 -5.70
N GLU B 30 -4.89 -4.50 -4.63
CA GLU B 30 -5.60 -3.31 -4.18
C GLU B 30 -4.63 -2.12 -4.02
N LYS B 31 -4.98 -1.01 -4.66
CA LYS B 31 -4.27 0.27 -4.55
C LYS B 31 -5.36 1.32 -4.41
N PRO B 32 -5.69 1.68 -3.17
CA PRO B 32 -6.81 2.56 -2.91
C PRO B 32 -6.46 4.03 -2.82
N TYR B 33 -5.18 4.35 -2.65
CA TYR B 33 -4.76 5.73 -2.59
C TYR B 33 -4.53 6.26 -4.01
N LYS B 34 -5.42 7.17 -4.41
CA LYS B 34 -5.50 7.68 -5.77
C LYS B 34 -4.84 9.05 -5.85
N CYS B 35 -4.10 9.29 -6.94
CA CYS B 35 -3.44 10.58 -7.16
C CYS B 35 -4.43 11.51 -7.77
N GLU B 36 -4.49 12.72 -7.23
CA GLU B 36 -5.45 13.69 -7.71
C GLU B 36 -5.07 14.26 -9.09
N PHE B 37 -3.88 13.92 -9.57
CA PHE B 37 -3.33 14.54 -10.76
C PHE B 37 -3.19 13.55 -11.91
N CYS B 38 -2.63 12.37 -11.66
CA CYS B 38 -2.52 11.35 -12.69
C CYS B 38 -3.11 10.05 -12.19
N GLU B 39 -3.11 9.04 -13.03
CA GLU B 39 -3.74 7.77 -12.71
C GLU B 39 -2.82 6.82 -11.92
N TYR B 40 -1.64 7.30 -11.53
CA TYR B 40 -0.80 6.56 -10.61
C TYR B 40 -1.58 6.36 -9.34
N ALA B 41 -1.41 5.17 -8.76
CA ALA B 41 -2.16 4.78 -7.57
C ALA B 41 -1.26 4.03 -6.60
N ALA B 42 -1.68 3.98 -5.34
CA ALA B 42 -0.85 3.44 -4.26
C ALA B 42 -1.57 2.62 -3.17
N ALA B 43 -0.93 1.54 -2.83
CA ALA B 43 -1.34 0.73 -1.72
C ALA B 43 -0.97 1.35 -0.35
N GLN B 44 -0.09 2.33 -0.26
CA GLN B 44 0.32 2.87 1.07
C GLN B 44 0.50 4.40 1.07
N LYS B 45 0.20 5.07 2.17
CA LYS B 45 0.20 6.55 2.12
C LYS B 45 1.58 7.01 1.74
N THR B 46 2.61 6.51 2.41
CA THR B 46 3.93 7.12 2.24
C THR B 46 4.23 7.24 0.75
N SER B 47 3.90 6.22 -0.01
CA SER B 47 4.22 6.27 -1.44
C SER B 47 3.51 7.43 -2.13
N LEU B 48 2.21 7.57 -1.93
CA LEU B 48 1.55 8.72 -2.53
C LEU B 48 2.21 10.01 -2.05
N ARG B 49 2.52 10.10 -0.76
CA ARG B 49 3.15 11.31 -0.24
C ARG B 49 4.42 11.56 -1.03
N TYR B 50 5.26 10.54 -1.16
CA TYR B 50 6.42 10.70 -2.03
C TYR B 50 6.05 11.19 -3.42
N HIS B 51 5.22 10.43 -4.13
CA HIS B 51 4.89 10.79 -5.54
C HIS B 51 4.44 12.24 -5.59
N LEU B 52 3.48 12.60 -4.78
CA LEU B 52 3.04 13.99 -4.73
C LEU B 52 4.22 14.96 -4.66
N GLU B 53 5.15 14.71 -3.76
CA GLU B 53 6.20 15.67 -3.54
C GLU B 53 7.09 15.75 -4.74
N ARG B 54 7.59 14.60 -5.15
CA ARG B 54 8.48 14.57 -6.28
C ARG B 54 7.85 14.93 -7.62
N HIS B 55 6.61 14.57 -7.92
CA HIS B 55 6.06 14.93 -9.26
C HIS B 55 5.00 16.01 -9.35
N HIS B 56 4.68 16.70 -8.25
CA HIS B 56 3.56 17.66 -8.26
C HIS B 56 3.73 18.81 -7.23
#